data_7ECD
#
_entry.id   7ECD
#
_cell.length_a   104.159
_cell.length_b   104.159
_cell.length_c   113.959
_cell.angle_alpha   90.00
_cell.angle_beta   90.00
_cell.angle_gamma   90.00
#
_symmetry.space_group_name_H-M   'I 41'
#
loop_
_entity.id
_entity.type
_entity.pdbx_description
1 polymer 'Phosphatidate cytidylyltransferase'
2 non-polymer "CYTIDINE-5'-TRIPHOSPHATE"
3 non-polymer 'MAGNESIUM ION'
4 non-polymer 'BROMIDE ION'
5 water water
#
_entity_poly.entity_id   1
_entity_poly.type   'polypeptide(L)'
_entity_poly.pdbx_seq_one_letter_code
;MHHHHHHMKDFIKEFLNERPEVVAAFGYGSGVFKQLGYDSKEKPQIDLILIVNDMKLWHKENIKKNPKDYSFIGRNFFLN
SSIDEIKGITGITYQSNIEYKGHLFKYGIIEYGDFVRHMQTWDSFYVPGRFQKPILTIKSNNFIDELILQNRRNACKVGL
LCLNNKDLKDLYLTICNLSYSGDTRMKVAENPKKVENIVGASYDKFNEMYNFNDLYQKNGERIEYEIDIDELPSSLEKYI
KDDKTKEKVMEYLSDLNRKESSLQTMKGIKTN
;
_entity_poly.pdbx_strand_id   A
#
loop_
_chem_comp.id
_chem_comp.type
_chem_comp.name
_chem_comp.formula
BR non-polymer 'BROMIDE ION' 'Br -1'
CTP non-polymer CYTIDINE-5'-TRIPHOSPHATE 'C9 H16 N3 O14 P3'
MG non-polymer 'MAGNESIUM ION' 'Mg 2'
#
# COMPACT_ATOMS: atom_id res chain seq x y z
N MET A 1 1.53 -20.80 -20.98
CA MET A 1 1.73 -20.02 -22.20
C MET A 1 1.36 -18.56 -21.97
N HIS A 2 0.55 -18.32 -20.93
CA HIS A 2 0.16 -16.97 -20.52
C HIS A 2 0.36 -16.83 -19.01
N HIS A 3 1.31 -15.97 -18.62
CA HIS A 3 1.48 -15.60 -17.22
C HIS A 3 1.14 -14.12 -17.11
N HIS A 4 0.00 -13.83 -16.49
CA HIS A 4 -0.45 -12.45 -16.34
C HIS A 4 0.65 -11.56 -15.78
N HIS A 5 1.37 -12.03 -14.75
CA HIS A 5 2.30 -11.14 -14.06
C HIS A 5 3.50 -10.79 -14.93
N HIS A 6 3.95 -11.70 -15.80
CA HIS A 6 5.00 -11.34 -16.74
C HIS A 6 4.51 -10.31 -17.75
N HIS A 7 3.27 -10.43 -18.21
CA HIS A 7 2.82 -9.49 -19.22
C HIS A 7 2.57 -8.10 -18.64
N MET A 8 2.08 -8.04 -17.39
CA MET A 8 1.88 -6.72 -16.77
C MET A 8 3.22 -6.07 -16.45
N LYS A 9 4.15 -6.86 -15.92
CA LYS A 9 5.46 -6.36 -15.54
C LYS A 9 6.16 -5.73 -16.74
N ASP A 10 6.03 -6.36 -17.91
CA ASP A 10 6.68 -5.83 -19.10
C ASP A 10 6.07 -4.50 -19.50
N PHE A 11 4.73 -4.43 -19.48
CA PHE A 11 4.07 -3.19 -19.87
C PHE A 11 4.42 -2.07 -18.89
N ILE A 12 4.47 -2.38 -17.61
CA ILE A 12 4.82 -1.35 -16.65
C ILE A 12 6.26 -0.90 -16.84
N LYS A 13 7.17 -1.84 -17.12
CA LYS A 13 8.57 -1.45 -17.35
C LYS A 13 8.68 -0.47 -18.52
N GLU A 14 7.85 -0.65 -19.56
CA GLU A 14 7.84 0.31 -20.66
C GLU A 14 7.54 1.70 -20.15
N PHE A 15 6.50 1.82 -19.31
CA PHE A 15 6.11 3.12 -18.76
C PHE A 15 7.24 3.72 -17.94
N LEU A 16 7.88 2.92 -17.08
CA LEU A 16 8.95 3.45 -16.24
C LEU A 16 10.17 3.81 -17.05
N ASN A 17 10.33 3.14 -18.21
CA ASN A 17 11.54 3.30 -18.99
C ASN A 17 11.65 4.69 -19.61
N GLU A 18 10.56 5.44 -19.66
CA GLU A 18 10.59 6.83 -20.07
C GLU A 18 10.80 7.79 -18.91
N ARG A 19 11.05 7.28 -17.71
CA ARG A 19 11.07 8.11 -16.53
C ARG A 19 12.37 7.90 -15.75
N PRO A 20 12.74 8.87 -14.90
CA PRO A 20 14.03 8.76 -14.20
C PRO A 20 14.13 7.48 -13.41
N GLU A 21 15.35 6.96 -13.26
CA GLU A 21 15.49 5.64 -12.64
C GLU A 21 15.02 5.69 -11.19
N VAL A 22 14.67 4.51 -10.68
CA VAL A 22 14.17 4.34 -9.34
C VAL A 22 14.96 3.25 -8.64
N VAL A 23 14.89 3.24 -7.32
CA VAL A 23 15.49 2.16 -6.55
C VAL A 23 14.67 0.88 -6.67
N ALA A 24 13.36 0.97 -6.44
CA ALA A 24 12.46 -0.16 -6.51
C ALA A 24 11.14 0.32 -7.09
N ALA A 25 10.28 -0.64 -7.45
CA ALA A 25 9.05 -0.30 -8.15
C ALA A 25 8.07 -1.45 -7.98
N PHE A 26 6.80 -1.11 -7.78
CA PHE A 26 5.80 -2.12 -7.48
C PHE A 26 4.48 -1.73 -8.09
N GLY A 27 3.74 -2.73 -8.59
CA GLY A 27 2.37 -2.53 -9.01
C GLY A 27 1.41 -3.06 -7.96
N TYR A 28 0.24 -2.43 -7.86
CA TYR A 28 -0.74 -2.88 -6.88
C TYR A 28 -2.11 -2.35 -7.28
N GLY A 29 -3.13 -2.77 -6.55
CA GLY A 29 -4.47 -2.28 -6.82
C GLY A 29 -5.21 -2.98 -7.95
N SER A 30 -6.38 -2.40 -8.27
CA SER A 30 -7.35 -3.03 -9.16
C SER A 30 -6.92 -3.01 -10.63
N GLY A 31 -5.91 -2.24 -10.97
CA GLY A 31 -5.45 -2.26 -12.34
C GLY A 31 -4.39 -3.30 -12.61
N VAL A 32 -4.02 -4.08 -11.59
CA VAL A 32 -2.88 -4.99 -11.61
C VAL A 32 -3.32 -6.38 -11.13
N PHE A 33 -4.15 -6.40 -10.09
CA PHE A 33 -4.74 -7.62 -9.55
C PHE A 33 -6.25 -7.45 -9.64
N LYS A 34 -6.91 -8.43 -10.26
CA LYS A 34 -8.35 -8.37 -10.51
C LYS A 34 -9.11 -8.19 -9.20
N GLN A 35 -10.29 -7.64 -9.31
CA GLN A 35 -11.19 -7.46 -8.18
C GLN A 35 -12.58 -7.86 -8.62
N LEU A 36 -13.32 -8.50 -7.72
CA LEU A 36 -14.74 -8.73 -7.97
C LEU A 36 -15.48 -7.41 -7.99
N GLY A 37 -16.67 -7.43 -8.57
CA GLY A 37 -17.56 -6.31 -8.37
C GLY A 37 -17.30 -5.10 -9.23
N TYR A 38 -16.38 -5.20 -10.18
CA TYR A 38 -16.29 -4.21 -11.24
C TYR A 38 -17.17 -4.71 -12.36
N ASP A 39 -18.02 -3.83 -12.88
CA ASP A 39 -18.52 -4.05 -14.22
C ASP A 39 -17.33 -4.21 -15.14
N SER A 40 -17.34 -5.26 -15.95
CA SER A 40 -16.46 -5.39 -17.10
C SER A 40 -16.45 -4.07 -17.86
N LYS A 41 -15.38 -3.74 -18.59
CA LYS A 41 -15.37 -2.54 -19.45
C LYS A 41 -15.11 -1.24 -18.68
N GLU A 42 -14.48 -1.27 -17.50
CA GLU A 42 -14.45 -0.07 -16.66
C GLU A 42 -13.12 0.68 -16.65
N LYS A 43 -12.07 0.10 -17.23
CA LYS A 43 -10.72 0.67 -17.34
C LYS A 43 -10.29 1.39 -16.06
N PRO A 44 -9.93 0.65 -15.02
CA PRO A 44 -9.36 1.28 -13.84
C PRO A 44 -7.89 1.65 -14.05
N GLN A 45 -7.41 2.55 -13.19
CA GLN A 45 -6.06 3.03 -13.30
C GLN A 45 -5.06 1.98 -12.85
N ILE A 46 -3.89 1.98 -13.49
CA ILE A 46 -2.76 1.14 -13.08
C ILE A 46 -2.01 1.87 -11.97
N ASP A 47 -2.06 1.34 -10.76
CA ASP A 47 -1.49 1.97 -9.58
C ASP A 47 -0.08 1.44 -9.35
N LEU A 48 0.88 2.35 -9.18
CA LEU A 48 2.27 1.99 -8.94
C LEU A 48 2.80 2.75 -7.74
N ILE A 49 3.83 2.18 -7.11
CA ILE A 49 4.56 2.83 -6.03
C ILE A 49 6.05 2.69 -6.32
N LEU A 50 6.72 3.82 -6.49
CA LEU A 50 8.13 3.87 -6.82
C LEU A 50 8.93 4.41 -5.63
N ILE A 51 10.02 3.72 -5.29
CA ILE A 51 10.94 4.15 -4.26
C ILE A 51 12.13 4.82 -4.92
N VAL A 52 12.45 6.04 -4.48
CA VAL A 52 13.55 6.82 -5.04
C VAL A 52 14.54 7.15 -3.95
N ASN A 53 15.72 7.62 -4.36
CA ASN A 53 16.73 8.11 -3.43
C ASN A 53 16.41 9.52 -2.95
N ASP A 54 16.12 10.44 -3.88
CA ASP A 54 15.91 11.85 -3.57
C ASP A 54 14.63 12.33 -4.25
N MET A 55 13.60 12.63 -3.43
CA MET A 55 12.31 13.06 -3.95
C MET A 55 12.43 14.30 -4.83
N LYS A 56 13.11 15.34 -4.33
CA LYS A 56 13.17 16.61 -5.06
C LYS A 56 13.80 16.43 -6.44
N LEU A 57 14.89 15.65 -6.50
CA LEU A 57 15.65 15.53 -7.74
C LEU A 57 15.02 14.55 -8.72
N TRP A 58 14.38 13.49 -8.22
CA TRP A 58 13.63 12.63 -9.13
C TRP A 58 12.56 13.43 -9.84
N HIS A 59 11.80 14.24 -9.09
CA HIS A 59 10.73 15.02 -9.72
C HIS A 59 11.29 16.10 -10.62
N LYS A 60 12.38 16.74 -10.20
CA LYS A 60 12.96 17.80 -11.02
C LYS A 60 13.40 17.26 -12.38
N GLU A 61 14.01 16.08 -12.38
CA GLU A 61 14.48 15.47 -13.61
C GLU A 61 13.32 14.98 -14.48
N ASN A 62 12.22 14.53 -13.86
CA ASN A 62 11.05 14.07 -14.59
C ASN A 62 10.17 15.21 -15.08
N ILE A 63 10.29 16.40 -14.48
CA ILE A 63 9.59 17.57 -14.98
C ILE A 63 10.20 18.03 -16.30
N LYS A 64 11.49 17.73 -16.53
CA LYS A 64 12.09 18.07 -17.81
C LYS A 64 11.85 16.99 -18.87
N LYS A 65 11.79 15.71 -18.45
CA LYS A 65 11.64 14.64 -19.43
C LYS A 65 10.18 14.40 -19.79
N ASN A 66 9.27 14.54 -18.82
CA ASN A 66 7.85 14.23 -19.02
C ASN A 66 7.04 15.33 -18.36
N PRO A 67 7.08 16.54 -18.91
CA PRO A 67 6.35 17.66 -18.27
C PRO A 67 4.85 17.45 -18.20
N LYS A 68 4.27 16.64 -19.09
CA LYS A 68 2.83 16.42 -19.06
C LYS A 68 2.38 15.50 -17.94
N ASP A 69 3.31 14.91 -17.16
CA ASP A 69 2.95 14.19 -15.94
C ASP A 69 2.42 15.12 -14.85
N TYR A 70 2.40 16.43 -15.07
CA TYR A 70 2.17 17.38 -13.99
C TYR A 70 1.26 18.50 -14.46
N SER A 71 0.37 18.96 -13.58
CA SER A 71 -0.39 20.20 -13.79
C SER A 71 0.55 21.41 -13.71
N PHE A 72 0.04 22.62 -13.94
CA PHE A 72 0.89 23.79 -13.75
C PHE A 72 1.19 23.98 -12.26
N ILE A 73 0.15 23.97 -11.43
CA ILE A 73 0.24 23.95 -9.97
C ILE A 73 1.34 23.02 -9.52
N GLY A 74 1.31 21.79 -10.05
CA GLY A 74 2.15 20.72 -9.53
C GLY A 74 3.62 20.92 -9.78
N ARG A 75 3.98 21.46 -10.95
CA ARG A 75 5.41 21.71 -11.19
C ARG A 75 5.95 22.72 -10.19
N ASN A 76 5.21 23.82 -9.98
CA ASN A 76 5.64 24.76 -8.96
C ASN A 76 5.67 24.11 -7.58
N PHE A 77 4.69 23.26 -7.30
CA PHE A 77 4.68 22.61 -6.00
C PHE A 77 5.98 21.85 -5.77
N PHE A 78 6.44 21.10 -6.77
CA PHE A 78 7.59 20.22 -6.61
C PHE A 78 8.91 20.96 -6.68
N LEU A 79 8.96 22.10 -7.34
CA LEU A 79 10.21 22.83 -7.46
C LEU A 79 10.39 23.87 -6.37
N ASN A 80 9.30 24.41 -5.81
CA ASN A 80 9.33 25.55 -4.90
C ASN A 80 9.15 25.18 -3.43
N SER A 81 8.18 24.32 -3.11
CA SER A 81 7.84 24.07 -1.72
C SER A 81 8.93 23.28 -1.01
N SER A 82 8.93 23.39 0.32
CA SER A 82 9.89 22.67 1.16
C SER A 82 9.66 21.17 1.05
N ILE A 83 10.75 20.41 1.19
CA ILE A 83 10.66 18.96 1.19
C ILE A 83 9.72 18.48 2.28
N ASP A 84 9.64 19.20 3.40
CA ASP A 84 8.75 18.77 4.48
C ASP A 84 7.30 18.85 4.05
N GLU A 85 6.92 19.90 3.31
CA GLU A 85 5.54 20.02 2.85
C GLU A 85 5.24 18.99 1.76
N ILE A 86 6.23 18.67 0.94
CA ILE A 86 6.04 17.74 -0.17
C ILE A 86 5.85 16.32 0.36
N LYS A 87 6.73 15.90 1.28
CA LYS A 87 6.61 14.57 1.87
C LYS A 87 5.33 14.43 2.67
N GLY A 88 4.91 15.50 3.33
CA GLY A 88 3.79 15.46 4.25
C GLY A 88 3.98 14.38 5.31
N ILE A 89 2.86 13.89 5.82
CA ILE A 89 2.92 12.88 6.87
C ILE A 89 3.06 11.45 6.32
N THR A 90 2.67 11.21 5.07
CA THR A 90 2.75 9.86 4.51
C THR A 90 4.05 9.61 3.78
N GLY A 91 4.76 10.65 3.38
CA GLY A 91 5.98 10.47 2.64
C GLY A 91 5.83 10.17 1.17
N ILE A 92 4.61 10.11 0.65
CA ILE A 92 4.43 9.73 -0.74
C ILE A 92 3.58 10.76 -1.48
N THR A 93 3.92 11.00 -2.75
CA THR A 93 3.24 11.95 -3.61
C THR A 93 2.72 11.25 -4.85
N TYR A 94 1.54 11.64 -5.31
CA TYR A 94 0.84 10.91 -6.37
C TYR A 94 0.62 11.79 -7.59
N GLN A 95 0.98 11.23 -8.75
CA GLN A 95 0.63 11.75 -10.05
C GLN A 95 -0.46 10.84 -10.64
N SER A 96 -1.65 11.37 -10.90
CA SER A 96 -2.70 10.51 -11.41
C SER A 96 -3.17 10.92 -12.80
N ASN A 97 -3.88 9.98 -13.43
CA ASN A 97 -4.47 10.14 -14.76
C ASN A 97 -3.40 10.48 -15.79
N ILE A 98 -2.25 9.85 -15.64
CA ILE A 98 -1.14 9.91 -16.59
C ILE A 98 -1.43 8.91 -17.69
N GLU A 99 -1.53 9.38 -18.93
CA GLU A 99 -1.93 8.55 -20.07
C GLU A 99 -0.71 7.97 -20.79
N TYR A 100 -0.70 6.66 -20.97
CA TYR A 100 0.36 5.99 -21.73
C TYR A 100 -0.22 4.78 -22.44
N LYS A 101 -0.19 4.79 -23.78
CA LYS A 101 -0.58 3.63 -24.58
C LYS A 101 -1.99 3.15 -24.23
N GLY A 102 -2.96 4.05 -24.34
CA GLY A 102 -4.33 3.66 -24.11
C GLY A 102 -4.68 3.26 -22.70
N HIS A 103 -3.79 3.47 -21.74
CA HIS A 103 -4.08 3.18 -20.35
C HIS A 103 -3.81 4.41 -19.49
N LEU A 104 -4.36 4.39 -18.28
CA LEU A 104 -4.16 5.44 -17.30
C LEU A 104 -3.32 4.89 -16.15
N PHE A 105 -2.20 5.57 -15.87
CA PHE A 105 -1.29 5.24 -14.79
C PHE A 105 -1.39 6.25 -13.66
N LYS A 106 -1.26 5.77 -12.43
CA LYS A 106 -1.19 6.62 -11.25
C LYS A 106 -0.06 6.09 -10.38
N TYR A 107 1.02 6.87 -10.22
CA TYR A 107 2.18 6.40 -9.49
C TYR A 107 2.45 7.31 -8.29
N GLY A 108 2.98 6.69 -7.24
CA GLY A 108 3.42 7.39 -6.05
C GLY A 108 4.92 7.29 -5.93
N ILE A 109 5.53 8.36 -5.41
CA ILE A 109 6.96 8.46 -5.20
C ILE A 109 7.19 8.59 -3.69
N ILE A 110 8.10 7.79 -3.15
CA ILE A 110 8.45 7.83 -1.74
C ILE A 110 9.95 7.62 -1.60
N GLU A 111 10.59 8.42 -0.74
CA GLU A 111 12.02 8.26 -0.56
C GLU A 111 12.30 6.96 0.17
N TYR A 112 13.45 6.36 -0.17
CA TYR A 112 13.89 5.12 0.46
C TYR A 112 13.71 5.17 1.98
N GLY A 113 14.19 6.26 2.60
CA GLY A 113 14.28 6.30 4.04
C GLY A 113 12.93 6.35 4.69
N ASP A 114 12.03 7.18 4.16
CA ASP A 114 10.67 7.20 4.69
C ASP A 114 10.00 5.85 4.52
N PHE A 115 10.33 5.13 3.44
CA PHE A 115 9.77 3.80 3.23
C PHE A 115 10.25 2.84 4.32
N VAL A 116 11.56 2.86 4.59
CA VAL A 116 12.11 2.03 5.66
C VAL A 116 11.47 2.36 7.00
N ARG A 117 11.49 3.65 7.38
CA ARG A 117 10.98 4.02 8.70
C ARG A 117 9.50 3.65 8.84
N HIS A 118 8.71 3.90 7.81
CA HIS A 118 7.28 3.63 7.95
C HIS A 118 7.03 2.12 8.00
N MET A 119 7.75 1.34 7.20
CA MET A 119 7.51 -0.11 7.20
C MET A 119 7.92 -0.73 8.51
N GLN A 120 8.99 -0.23 9.12
CA GLN A 120 9.50 -0.88 10.32
C GLN A 120 8.76 -0.42 11.56
N THR A 121 8.47 0.88 11.66
CA THR A 121 7.93 1.42 12.90
C THR A 121 6.45 1.74 12.86
N TRP A 122 5.84 1.78 11.68
CA TRP A 122 4.42 2.13 11.54
C TRP A 122 4.09 3.49 12.15
N ASP A 123 5.06 4.40 12.18
CA ASP A 123 4.75 5.76 12.58
C ASP A 123 3.76 6.39 11.61
N SER A 124 3.86 6.03 10.34
CA SER A 124 2.82 6.21 9.34
C SER A 124 2.38 4.85 8.82
N PHE A 125 1.09 4.72 8.53
CA PHE A 125 0.53 3.44 8.12
C PHE A 125 0.06 3.44 6.67
N TYR A 126 0.13 4.56 5.99
CA TYR A 126 -0.49 4.67 4.68
C TYR A 126 0.15 3.70 3.69
N VAL A 127 1.45 3.80 3.49
CA VAL A 127 2.13 2.92 2.56
C VAL A 127 2.23 1.49 3.12
N PRO A 128 2.61 1.27 4.38
CA PRO A 128 2.72 -0.13 4.81
C PRO A 128 1.42 -0.89 4.71
N GLY A 129 0.29 -0.18 4.81
CA GLY A 129 -0.98 -0.85 4.70
C GLY A 129 -1.25 -1.33 3.30
N ARG A 130 -0.79 -0.56 2.30
CA ARG A 130 -0.96 -0.97 0.92
C ARG A 130 -0.10 -2.19 0.60
N PHE A 131 1.01 -2.35 1.30
CA PHE A 131 1.90 -3.48 1.07
C PHE A 131 1.44 -4.74 1.79
N GLN A 132 0.30 -4.69 2.47
CA GLN A 132 -0.33 -5.86 3.04
C GLN A 132 -1.30 -6.53 2.08
N LYS A 133 -1.50 -5.97 0.89
CA LYS A 133 -2.32 -6.59 -0.13
C LYS A 133 -1.39 -7.13 -1.22
N PRO A 134 -1.90 -7.81 -2.24
CA PRO A 134 -1.01 -8.31 -3.29
C PRO A 134 -0.14 -7.19 -3.85
N ILE A 135 1.11 -7.55 -4.13
CA ILE A 135 2.10 -6.64 -4.70
C ILE A 135 2.72 -7.34 -5.90
N LEU A 136 2.73 -6.66 -7.03
CA LEU A 136 3.50 -7.11 -8.18
C LEU A 136 4.86 -6.44 -8.13
N THR A 137 5.90 -7.25 -7.98
CA THR A 137 7.26 -6.74 -7.89
C THR A 137 7.80 -6.50 -9.29
N ILE A 138 8.26 -5.27 -9.54
CA ILE A 138 8.87 -4.91 -10.82
C ILE A 138 10.38 -4.78 -10.69
N LYS A 139 10.84 -4.25 -9.56
CA LYS A 139 12.26 -4.09 -9.27
C LYS A 139 12.39 -4.02 -7.76
N SER A 140 13.13 -4.94 -7.16
CA SER A 140 13.32 -4.94 -5.71
C SER A 140 14.68 -5.56 -5.40
N ASN A 141 14.95 -5.73 -4.10
CA ASN A 141 16.17 -6.39 -3.64
C ASN A 141 15.85 -7.15 -2.37
N ASN A 142 16.82 -7.94 -1.90
CA ASN A 142 16.62 -8.78 -0.70
C ASN A 142 16.16 -7.95 0.49
N PHE A 143 16.76 -6.77 0.67
CA PHE A 143 16.50 -5.98 1.86
C PHE A 143 15.06 -5.48 1.86
N ILE A 144 14.61 -4.97 0.72
CA ILE A 144 13.24 -4.46 0.61
C ILE A 144 12.24 -5.62 0.72
N ASP A 145 12.55 -6.77 0.11
CA ASP A 145 11.68 -7.93 0.24
C ASP A 145 11.53 -8.32 1.71
N GLU A 146 12.61 -8.20 2.47
CA GLU A 146 12.52 -8.55 3.89
C GLU A 146 11.70 -7.52 4.64
N LEU A 147 11.75 -6.25 4.22
CA LEU A 147 10.86 -5.27 4.81
C LEU A 147 9.42 -5.66 4.56
N ILE A 148 9.12 -6.03 3.32
CA ILE A 148 7.77 -6.39 2.93
C ILE A 148 7.27 -7.58 3.75
N LEU A 149 8.15 -8.56 3.98
CA LEU A 149 7.75 -9.73 4.75
C LEU A 149 7.48 -9.38 6.22
N GLN A 150 8.38 -8.63 6.87
CA GLN A 150 8.18 -8.31 8.28
C GLN A 150 6.89 -7.54 8.47
N ASN A 151 6.62 -6.60 7.55
CA ASN A 151 5.38 -5.84 7.56
C ASN A 151 4.15 -6.77 7.46
N ARG A 152 4.21 -7.77 6.59
CA ARG A 152 3.11 -8.72 6.56
C ARG A 152 3.04 -9.54 7.84
N ARG A 153 4.18 -9.98 8.38
CA ARG A 153 4.16 -10.73 9.63
C ARG A 153 3.47 -9.92 10.72
N ASN A 154 3.84 -8.66 10.88
CA ASN A 154 3.24 -7.85 11.93
C ASN A 154 1.76 -7.57 11.63
N ALA A 155 1.40 -7.42 10.35
CA ALA A 155 -0.02 -7.33 10.01
C ALA A 155 -0.74 -8.58 10.45
N CYS A 156 -0.09 -9.73 10.29
CA CYS A 156 -0.75 -10.99 10.61
C CYS A 156 -0.92 -11.14 12.12
N LYS A 157 0.09 -10.72 12.90
CA LYS A 157 -0.07 -10.71 14.35
C LYS A 157 -1.28 -9.88 14.73
N VAL A 158 -1.39 -8.68 14.15
CA VAL A 158 -2.53 -7.83 14.47
C VAL A 158 -3.82 -8.50 14.03
N GLY A 159 -3.82 -9.11 12.85
CA GLY A 159 -5.01 -9.82 12.39
C GLY A 159 -5.47 -10.89 13.37
N LEU A 160 -4.54 -11.74 13.83
CA LEU A 160 -4.89 -12.79 14.76
C LEU A 160 -5.39 -12.23 16.08
N LEU A 161 -4.85 -11.09 16.50
CA LEU A 161 -5.30 -10.46 17.75
C LEU A 161 -6.75 -10.02 17.67
N CYS A 162 -7.18 -9.50 16.51
CA CYS A 162 -8.52 -8.95 16.37
C CYS A 162 -9.57 -10.00 16.11
N LEU A 163 -9.17 -11.12 15.51
CA LEU A 163 -10.10 -12.15 15.08
C LEU A 163 -10.95 -12.64 16.24
N ASN A 164 -12.26 -12.79 15.98
CA ASN A 164 -13.18 -13.39 16.93
C ASN A 164 -13.41 -14.88 16.63
N ASN A 165 -13.79 -15.22 15.41
CA ASN A 165 -13.89 -16.61 15.01
C ASN A 165 -12.57 -17.08 14.40
N LYS A 166 -12.24 -18.35 14.63
CA LYS A 166 -11.01 -18.96 14.14
C LYS A 166 -11.21 -19.46 12.70
N ASP A 167 -11.54 -18.55 11.80
CA ASP A 167 -11.81 -18.84 10.39
C ASP A 167 -10.76 -18.18 9.49
N LEU A 168 -10.25 -18.93 8.49
CA LEU A 168 -9.16 -18.41 7.68
C LEU A 168 -9.58 -17.20 6.85
N LYS A 169 -10.68 -17.33 6.07
CA LYS A 169 -11.11 -16.22 5.24
C LYS A 169 -11.26 -14.93 6.05
N ASP A 170 -11.67 -15.05 7.32
CA ASP A 170 -11.90 -13.84 8.11
C ASP A 170 -10.60 -13.25 8.63
N LEU A 171 -9.57 -14.08 8.81
CA LEU A 171 -8.26 -13.52 9.06
C LEU A 171 -7.80 -12.68 7.87
N TYR A 172 -7.95 -13.22 6.65
CA TYR A 172 -7.56 -12.47 5.47
C TYR A 172 -8.35 -11.16 5.36
N LEU A 173 -9.64 -11.19 5.69
CA LEU A 173 -10.44 -9.96 5.66
C LEU A 173 -10.01 -8.99 6.77
N THR A 174 -9.76 -9.51 7.98
CA THR A 174 -9.32 -8.62 9.06
C THR A 174 -8.00 -7.94 8.70
N ILE A 175 -7.06 -8.68 8.11
CA ILE A 175 -5.78 -8.10 7.73
C ILE A 175 -5.98 -7.06 6.65
N CYS A 176 -6.70 -7.44 5.60
CA CYS A 176 -6.86 -6.58 4.46
C CYS A 176 -7.61 -5.30 4.83
N ASN A 177 -8.19 -5.27 6.03
CA ASN A 177 -9.04 -4.17 6.46
C ASN A 177 -8.29 -3.12 7.27
N LEU A 178 -7.18 -3.50 7.91
CA LEU A 178 -6.39 -2.62 8.76
C LEU A 178 -6.16 -1.22 8.21
N SER A 179 -5.84 -1.10 6.92
CA SER A 179 -5.62 0.21 6.34
C SER A 179 -6.89 0.84 5.76
N TYR A 180 -8.01 0.15 5.85
CA TYR A 180 -9.30 0.68 5.39
C TYR A 180 -10.16 1.21 6.54
N SER A 181 -9.93 0.74 7.76
CA SER A 181 -10.68 1.25 8.90
C SER A 181 -10.37 2.74 9.07
N GLY A 182 -11.41 3.56 8.96
CA GLY A 182 -11.26 4.98 9.13
C GLY A 182 -10.91 5.75 7.88
N ASP A 183 -10.72 5.08 6.74
CA ASP A 183 -10.36 5.75 5.50
C ASP A 183 -11.48 6.71 5.11
N THR A 184 -11.12 7.95 4.83
CA THR A 184 -12.07 9.01 4.54
C THR A 184 -12.46 9.12 3.07
N ARG A 185 -11.84 8.38 2.15
CA ARG A 185 -12.23 8.51 0.75
C ARG A 185 -13.08 7.35 0.25
N MET A 186 -13.59 6.51 1.15
CA MET A 186 -14.42 5.36 0.81
C MET A 186 -15.81 5.58 1.37
N LYS A 187 -16.82 5.68 0.49
CA LYS A 187 -18.20 5.76 0.96
C LYS A 187 -18.51 4.61 1.90
N VAL A 188 -19.38 4.88 2.89
CA VAL A 188 -19.63 3.92 3.97
C VAL A 188 -20.10 2.58 3.43
N ALA A 189 -20.96 2.61 2.40
CA ALA A 189 -21.56 1.38 1.90
C ALA A 189 -20.53 0.47 1.27
N GLU A 190 -19.59 1.05 0.52
CA GLU A 190 -18.67 0.24 -0.26
C GLU A 190 -17.47 -0.23 0.54
N ASN A 191 -17.23 0.33 1.73
CA ASN A 191 -16.05 -0.03 2.52
C ASN A 191 -15.95 -1.52 2.83
N PRO A 192 -17.00 -2.20 3.31
CA PRO A 192 -16.85 -3.66 3.54
C PRO A 192 -16.79 -4.44 2.26
N LYS A 193 -17.48 -4.00 1.21
CA LYS A 193 -17.48 -4.73 -0.05
C LYS A 193 -16.13 -4.63 -0.74
N LYS A 194 -15.41 -3.52 -0.57
CA LYS A 194 -14.10 -3.39 -1.19
C LYS A 194 -13.15 -4.46 -0.65
N VAL A 195 -13.12 -4.62 0.66
CA VAL A 195 -12.27 -5.63 1.28
C VAL A 195 -12.64 -7.03 0.81
N GLU A 196 -13.94 -7.36 0.83
CA GLU A 196 -14.37 -8.67 0.34
C GLU A 196 -13.98 -8.86 -1.12
N ASN A 197 -14.16 -7.82 -1.94
CA ASN A 197 -13.88 -7.96 -3.36
C ASN A 197 -12.39 -8.15 -3.63
N ILE A 198 -11.53 -7.72 -2.70
CA ILE A 198 -10.10 -7.90 -2.90
C ILE A 198 -9.69 -9.31 -2.52
N VAL A 199 -10.12 -9.76 -1.33
CA VAL A 199 -9.78 -11.09 -0.85
C VAL A 199 -10.45 -12.16 -1.70
N GLY A 200 -11.71 -11.93 -2.08
CA GLY A 200 -12.41 -12.89 -2.91
C GLY A 200 -11.65 -13.23 -4.17
N ALA A 201 -11.02 -12.25 -4.79
CA ALA A 201 -10.47 -12.42 -6.12
C ALA A 201 -8.97 -12.72 -6.11
N SER A 202 -8.33 -12.68 -4.93
CA SER A 202 -6.90 -12.91 -4.78
C SER A 202 -6.60 -13.87 -3.65
N TYR A 203 -7.55 -14.74 -3.32
CA TYR A 203 -7.38 -15.66 -2.21
C TYR A 203 -6.06 -16.42 -2.30
N ASP A 204 -5.65 -16.80 -3.52
CA ASP A 204 -4.41 -17.52 -3.68
C ASP A 204 -3.23 -16.66 -3.22
N LYS A 205 -3.17 -15.42 -3.71
CA LYS A 205 -2.09 -14.52 -3.32
C LYS A 205 -2.04 -14.35 -1.80
N PHE A 206 -3.20 -14.24 -1.17
CA PHE A 206 -3.23 -14.14 0.29
C PHE A 206 -2.71 -15.40 0.94
N ASN A 207 -2.96 -16.56 0.32
CA ASN A 207 -2.43 -17.81 0.86
C ASN A 207 -0.92 -17.75 0.95
N GLU A 208 -0.26 -17.32 -0.13
CA GLU A 208 1.19 -17.21 -0.13
C GLU A 208 1.67 -16.16 0.85
N MET A 209 1.06 -14.97 0.83
CA MET A 209 1.59 -13.82 1.57
C MET A 209 1.66 -14.07 3.07
N TYR A 210 0.64 -14.70 3.65
CA TYR A 210 0.51 -14.85 5.10
C TYR A 210 0.72 -16.31 5.53
N ASN A 211 1.64 -16.97 4.83
CA ASN A 211 2.03 -18.36 5.12
C ASN A 211 3.09 -18.40 6.22
N PHE A 212 2.64 -18.15 7.46
CA PHE A 212 3.53 -18.04 8.62
C PHE A 212 3.09 -19.06 9.68
N ASN A 213 3.60 -20.28 9.56
CA ASN A 213 3.07 -21.34 10.40
C ASN A 213 3.52 -21.25 11.85
N ASP A 214 4.44 -20.34 12.16
CA ASP A 214 4.83 -20.10 13.54
C ASP A 214 3.86 -19.19 14.28
N LEU A 215 2.93 -18.55 13.57
CA LEU A 215 1.96 -17.68 14.19
C LEU A 215 0.59 -18.30 14.26
N TYR A 216 0.19 -18.98 13.20
CA TYR A 216 -1.11 -19.63 13.12
C TYR A 216 -0.98 -20.78 12.14
N GLN A 217 -1.79 -21.82 12.33
CA GLN A 217 -1.75 -23.02 11.50
C GLN A 217 -3.09 -23.21 10.79
N LYS A 218 -3.04 -23.61 9.51
CA LYS A 218 -4.21 -23.80 8.67
C LYS A 218 -4.67 -25.26 8.70
N ASN A 219 -5.95 -25.49 8.96
CA ASN A 219 -6.60 -26.80 8.86
C ASN A 219 -7.85 -26.60 7.99
N GLY A 220 -7.69 -26.75 6.68
CA GLY A 220 -8.79 -26.47 5.79
C GLY A 220 -9.17 -25.00 5.80
N GLU A 221 -10.35 -24.69 6.32
CA GLU A 221 -10.87 -23.33 6.34
C GLU A 221 -10.81 -22.68 7.72
N ARG A 222 -10.44 -23.42 8.76
CA ARG A 222 -10.28 -22.86 10.10
C ARG A 222 -8.81 -22.85 10.48
N ILE A 223 -8.46 -22.10 11.52
CA ILE A 223 -7.08 -21.96 11.94
C ILE A 223 -6.97 -22.15 13.45
N GLU A 224 -5.77 -22.54 13.88
CA GLU A 224 -5.43 -22.66 15.29
C GLU A 224 -4.21 -21.80 15.55
N TYR A 225 -4.24 -21.07 16.66
CA TYR A 225 -3.18 -20.14 16.99
C TYR A 225 -3.35 -19.75 18.45
N GLU A 226 -2.26 -19.27 19.04
CA GLU A 226 -2.33 -18.59 20.33
C GLU A 226 -1.81 -17.17 20.11
N ILE A 227 -2.54 -16.20 20.66
CA ILE A 227 -2.22 -14.81 20.41
C ILE A 227 -0.79 -14.51 20.84
N ASP A 228 -0.01 -13.92 19.94
CA ASP A 228 1.34 -13.46 20.25
C ASP A 228 1.57 -12.11 19.57
N ILE A 229 1.66 -11.05 20.36
CA ILE A 229 1.94 -9.71 19.82
C ILE A 229 3.10 -9.07 20.56
N ASP A 230 4.04 -9.87 21.07
CA ASP A 230 5.01 -9.29 22.00
C ASP A 230 5.97 -8.35 21.30
N GLU A 231 6.28 -8.59 20.03
CA GLU A 231 7.12 -7.68 19.26
C GLU A 231 6.32 -7.14 18.09
N LEU A 232 6.03 -5.85 18.14
CA LEU A 232 5.24 -5.11 17.14
C LEU A 232 6.04 -3.88 16.74
N PRO A 233 5.68 -3.23 15.63
CA PRO A 233 6.42 -2.04 15.21
C PRO A 233 6.36 -0.91 16.24
N SER A 234 7.49 -0.20 16.37
CA SER A 234 7.81 0.57 17.58
C SER A 234 6.76 1.63 17.92
N SER A 235 6.20 2.33 16.91
CA SER A 235 5.27 3.41 17.27
C SER A 235 3.93 2.87 17.78
N LEU A 236 3.42 1.78 17.18
CA LEU A 236 2.21 1.16 17.68
C LEU A 236 2.46 0.45 19.01
N GLU A 237 3.61 -0.20 19.13
CA GLU A 237 3.97 -0.83 20.39
C GLU A 237 4.09 0.22 21.50
N LYS A 238 4.69 1.38 21.20
CA LYS A 238 4.74 2.46 22.17
C LYS A 238 3.34 2.92 22.53
N TYR A 239 2.44 2.97 21.54
CA TYR A 239 1.11 3.50 21.78
C TYR A 239 0.33 2.63 22.76
N ILE A 240 0.55 1.32 22.75
CA ILE A 240 -0.34 0.38 23.41
C ILE A 240 0.22 -0.14 24.72
N LYS A 241 1.36 0.40 25.20
CA LYS A 241 2.10 -0.31 26.24
C LYS A 241 1.28 -0.54 27.50
N ASP A 242 0.35 0.37 27.82
CA ASP A 242 -0.47 0.25 29.02
C ASP A 242 -1.83 -0.38 28.78
N ASP A 243 -2.20 -0.67 27.52
CA ASP A 243 -3.52 -1.17 27.18
C ASP A 243 -3.37 -2.04 25.92
N LYS A 244 -2.77 -3.22 26.07
CA LYS A 244 -2.46 -4.06 24.92
C LYS A 244 -3.68 -4.91 24.58
N THR A 245 -4.66 -4.29 23.90
CA THR A 245 -5.90 -4.94 23.50
C THR A 245 -6.17 -4.65 22.02
N LYS A 246 -7.13 -5.38 21.45
CA LYS A 246 -7.50 -5.13 20.04
C LYS A 246 -8.04 -3.72 19.88
N GLU A 247 -8.84 -3.25 20.85
CA GLU A 247 -9.49 -1.95 20.74
C GLU A 247 -8.46 -0.84 20.60
N LYS A 248 -7.41 -0.85 21.43
CA LYS A 248 -6.39 0.20 21.37
C LYS A 248 -5.55 0.10 20.11
N VAL A 249 -5.33 -1.11 19.60
CA VAL A 249 -4.60 -1.23 18.34
C VAL A 249 -5.41 -0.64 17.20
N MET A 250 -6.73 -0.94 17.16
CA MET A 250 -7.56 -0.37 16.10
C MET A 250 -7.71 1.13 16.25
N GLU A 251 -7.63 1.62 17.48
CA GLU A 251 -7.71 3.06 17.73
C GLU A 251 -6.54 3.74 17.01
N TYR A 252 -5.33 3.28 17.28
CA TYR A 252 -4.13 3.82 16.65
C TYR A 252 -4.23 3.75 15.12
N LEU A 253 -4.58 2.58 14.59
CA LEU A 253 -4.51 2.39 13.15
C LEU A 253 -5.57 3.21 12.43
N SER A 254 -6.82 3.18 12.91
CA SER A 254 -7.87 3.91 12.20
C SER A 254 -7.71 5.41 12.39
N ASP A 255 -7.20 5.86 13.54
CA ASP A 255 -6.83 7.26 13.68
C ASP A 255 -5.83 7.66 12.61
N LEU A 256 -4.82 6.81 12.38
CA LEU A 256 -3.86 7.17 11.34
C LEU A 256 -4.50 7.10 9.97
N ASN A 257 -5.34 6.11 9.73
CA ASN A 257 -5.93 5.98 8.40
C ASN A 257 -6.82 7.17 8.09
N ARG A 258 -7.51 7.69 9.10
CA ARG A 258 -8.40 8.83 8.93
C ARG A 258 -7.59 10.10 8.66
N LYS A 259 -6.58 10.34 9.48
CA LYS A 259 -5.81 11.55 9.31
C LYS A 259 -5.03 11.53 8.01
N GLU A 260 -4.42 10.38 7.68
CA GLU A 260 -3.54 10.32 6.51
C GLU A 260 -4.33 10.32 5.20
N SER A 261 -5.46 9.60 5.12
CA SER A 261 -6.22 9.64 3.87
C SER A 261 -6.73 11.05 3.60
N SER A 262 -7.01 11.82 4.64
CA SER A 262 -7.53 13.16 4.47
C SER A 262 -6.44 14.10 4.00
N LEU A 263 -5.28 14.07 4.68
CA LEU A 263 -4.13 14.84 4.23
C LEU A 263 -3.67 14.41 2.85
N GLN A 264 -3.79 13.13 2.54
CA GLN A 264 -3.32 12.67 1.25
C GLN A 264 -4.24 13.16 0.13
N THR A 265 -5.54 13.31 0.42
CA THR A 265 -6.45 13.78 -0.61
C THR A 265 -6.30 15.29 -0.83
N MET A 266 -5.97 16.04 0.20
CA MET A 266 -5.64 17.46 0.04
C MET A 266 -4.34 17.65 -0.74
N LYS A 267 -3.28 16.92 -0.38
CA LYS A 267 -2.02 17.07 -1.10
C LYS A 267 -2.19 16.73 -2.57
N GLY A 268 -3.18 15.88 -2.88
CA GLY A 268 -3.35 15.39 -4.25
C GLY A 268 -3.77 16.47 -5.23
N ILE A 269 -4.54 17.47 -4.78
CA ILE A 269 -4.90 18.57 -5.67
C ILE A 269 -3.72 19.50 -5.86
N LYS A 270 -2.92 19.69 -4.80
CA LYS A 270 -1.69 20.48 -4.91
C LYS A 270 -0.67 19.83 -5.85
N THR A 271 -0.89 18.59 -6.27
CA THR A 271 0.03 17.94 -7.19
C THR A 271 -0.65 17.20 -8.34
N ASN A 272 -2.00 17.20 -8.42
CA ASN A 272 -2.83 16.46 -9.42
C ASN A 272 -2.37 15.00 -9.69
N1 CTP B . -5.39 0.28 -0.23
C2 CTP B . -5.27 -0.02 1.10
N3 CTP B . -5.80 0.84 2.05
C4 CTP B . -6.64 1.85 1.67
C5 CTP B . -6.90 2.06 0.33
C6 CTP B . -6.27 1.26 -0.61
O2 CTP B . -4.69 -1.05 1.44
N4 CTP B . -7.19 2.61 2.61
C1' CTP B . -4.79 -0.68 -1.16
C2' CTP B . -5.83 -1.57 -1.78
O2' CTP B . -5.27 -2.82 -1.85
C3' CTP B . -6.02 -1.00 -3.17
C4' CTP B . -4.84 -0.11 -3.44
O4' CTP B . -4.18 0.01 -2.21
O3' CTP B . -6.11 -1.99 -4.15
C5' CTP B . -5.36 1.29 -3.60
O5' CTP B . -5.61 1.60 -4.92
PA CTP B . -6.97 2.38 -5.12
O1A CTP B . -6.91 2.92 -6.51
O2A CTP B . -7.28 3.30 -4.01
O3A CTP B . -8.08 1.26 -4.98
PB CTP B . -8.47 0.34 -6.24
O1B CTP B . -7.48 0.41 -7.41
O2B CTP B . -8.59 -0.98 -5.53
O3B CTP B . -9.88 0.89 -6.71
PG CTP B . -10.02 1.92 -7.92
O1G CTP B . -8.69 2.53 -8.29
O2G CTP B . -10.58 1.22 -9.13
O3G CTP B . -10.99 2.96 -7.45
MG MG C . -6.47 2.34 -8.30
BR BR D . 0.66 13.66 3.35
BR BR E . 16.38 9.47 -7.06
#